data_4LDO
#
_entry.id   4LDO
#
_cell.length_a   49.670
_cell.length_b   66.480
_cell.length_c   303.100
_cell.angle_alpha   90.00
_cell.angle_beta   90.00
_cell.angle_gamma   90.00
#
_symmetry.space_group_name_H-M   'P 21 21 21'
#
loop_
_entity.id
_entity.type
_entity.pdbx_description
1 polymer 'Lysozyme, Beta-2 adrenergic receptor'
2 polymer 'Camelid Antibody Fragment'
3 non-polymer '(2S)-2,3-dihydroxypropyl (7Z)-tetradec-7-enoate'
4 non-polymer L-EPINEPHRINE
5 non-polymer 'SODIUM ION'
6 water water
#
loop_
_entity_poly.entity_id
_entity_poly.type
_entity_poly.pdbx_seq_one_letter_code
_entity_poly.pdbx_strand_id
1 'polypeptide(L)'
;DYKDDDDAENLYFQGNIFEMLRIDEGLRLKIYKDTEGYYTIGIGHLLTKSPSLNAAKSELDKAIGRNTNGVITKDEAEKL
FNQDVDAAVRGILRNAKLKPVYDSLDAVRRAALINMVFQMGETGVAGFTNSLRMLQQKRWDEAAVNLAKSRWYNQTPNRA
KRVITTFRTGTWDAYAADEVWVVGMGIVMSLIVLAIVFGNVLVITAIAKFERLQTVTNYFITSLACADLVMGLAVVPFGA
AHILTKTWTFGNFWCEFWTSIDVLCVTASIETLCVIAVDRYFAITSPFKYQSLLTKNKARVIILMVWIVSGLTSFLPIQM
HWYRATHQEAINCYAEETCCDFFTNQAYAIASSIVSFYVPLVIMVFVYSRVFQEAKRQLQKIDKFALKEHKALKTLGIIM
GTFTLCWLPFFIVNIVHVIQDNLIRKEVYILLNWIGYVNSGFNPLIYCRSPDFRIAFQELLCLRRSSLK
;
A
2 'polypeptide(L)'
;QVQLQESGGGLVQAGGSLRLSCAASGSIFALNIMGWYRQAPGKQRELVAAIHSGGTTNYANSVKGRFTISRDNAANTVYL
QMNSLKPEDTAVYYCNVKDFGAIIYDYDYWGQGTQVTVSS
;
B
#
# COMPACT_ATOMS: atom_id res chain seq x y z
N ASP A 7 -3.49 -36.04 -27.88
CA ASP A 7 -4.39 -35.02 -28.40
C ASP A 7 -3.64 -33.74 -28.74
N ALA A 8 -2.33 -33.75 -28.48
CA ALA A 8 -1.46 -32.60 -28.71
C ALA A 8 -1.97 -31.35 -27.99
N GLU A 9 -2.51 -31.53 -26.79
CA GLU A 9 -3.09 -30.44 -26.03
C GLU A 9 -2.24 -30.09 -24.81
N ASN A 10 -1.37 -29.10 -24.98
CA ASN A 10 -0.56 -28.60 -23.88
C ASN A 10 -0.73 -27.11 -23.68
N LEU A 11 -1.86 -26.59 -24.17
CA LEU A 11 -2.22 -25.20 -23.95
C LEU A 11 -2.96 -25.10 -22.61
N TYR A 12 -2.90 -23.93 -21.99
CA TYR A 12 -3.51 -23.73 -20.68
C TYR A 12 -5.02 -23.95 -20.75
N PHE A 13 -5.56 -24.54 -19.68
CA PHE A 13 -6.99 -24.82 -19.54
C PHE A 13 -7.53 -25.83 -20.54
N GLN A 14 -7.40 -27.11 -20.19
CA GLN A 14 -8.00 -28.19 -20.96
C GLN A 14 -9.32 -28.58 -20.31
N GLY A 15 -10.34 -28.82 -21.13
CA GLY A 15 -11.66 -29.16 -20.63
C GLY A 15 -11.70 -30.47 -19.89
N ASN A 16 -11.74 -30.42 -18.56
CA ASN A 16 -11.82 -31.61 -17.74
C ASN A 16 -12.55 -31.40 -16.41
N ILE A 17 -12.76 -32.48 -15.68
CA ILE A 17 -13.47 -32.45 -14.41
C ILE A 17 -12.62 -31.87 -13.27
N PHE A 18 -11.32 -32.11 -13.34
CA PHE A 18 -10.40 -31.74 -12.27
C PHE A 18 -10.31 -30.23 -12.04
N GLU A 19 -10.03 -29.47 -13.10
CA GLU A 19 -9.91 -28.02 -12.97
C GLU A 19 -11.26 -27.40 -12.60
N MET A 20 -12.33 -27.96 -13.18
CA MET A 20 -13.69 -27.53 -12.88
C MET A 20 -13.98 -27.63 -11.38
N LEU A 21 -13.65 -28.79 -10.81
CA LEU A 21 -13.86 -29.03 -9.40
C LEU A 21 -12.93 -28.19 -8.53
N ARG A 22 -11.73 -27.92 -9.02
CA ARG A 22 -10.79 -27.07 -8.30
C ARG A 22 -11.34 -25.64 -8.20
N ILE A 23 -11.95 -25.18 -9.28
CA ILE A 23 -12.58 -23.85 -9.29
C ILE A 23 -13.80 -23.84 -8.38
N ASP A 24 -14.63 -24.88 -8.48
CA ASP A 24 -15.84 -24.96 -7.68
C ASP A 24 -15.57 -25.12 -6.18
N GLU A 25 -14.71 -26.07 -5.83
CA GLU A 25 -14.42 -26.36 -4.42
C GLU A 25 -13.38 -25.41 -3.85
N GLY A 26 -12.15 -25.50 -4.34
CA GLY A 26 -11.06 -24.71 -3.82
C GLY A 26 -10.21 -25.49 -2.84
N LEU A 27 -8.89 -25.32 -2.94
CA LEU A 27 -7.95 -26.07 -2.11
C LEU A 27 -7.76 -25.46 -0.73
N ARG A 28 -8.08 -26.24 0.30
CA ARG A 28 -7.87 -25.83 1.68
C ARG A 28 -7.28 -27.01 2.48
N LEU A 29 -6.19 -26.76 3.19
CA LEU A 29 -5.48 -27.82 3.89
C LEU A 29 -6.04 -28.12 5.29
N LYS A 30 -6.62 -27.11 5.92
CA LYS A 30 -7.19 -27.28 7.26
C LYS A 30 -8.68 -27.58 7.17
N ILE A 31 -9.17 -28.37 8.12
CA ILE A 31 -10.58 -28.75 8.17
C ILE A 31 -11.49 -27.51 8.29
N TYR A 32 -12.47 -27.41 7.41
CA TYR A 32 -13.39 -26.28 7.41
C TYR A 32 -14.84 -26.74 7.26
N LYS A 33 -15.78 -25.83 7.50
CA LYS A 33 -17.20 -26.13 7.33
C LYS A 33 -17.71 -25.53 6.02
N ASP A 34 -18.46 -26.33 5.26
CA ASP A 34 -19.05 -25.85 4.02
C ASP A 34 -20.28 -24.98 4.31
N THR A 35 -21.04 -24.65 3.26
CA THR A 35 -22.23 -23.84 3.42
C THR A 35 -23.32 -24.58 4.19
N GLU A 36 -23.24 -25.90 4.20
CA GLU A 36 -24.18 -26.73 4.93
C GLU A 36 -23.81 -26.79 6.41
N GLY A 37 -22.55 -27.08 6.69
CA GLY A 37 -22.06 -27.15 8.06
C GLY A 37 -21.21 -28.39 8.33
N TYR A 38 -21.11 -29.26 7.33
CA TYR A 38 -20.33 -30.48 7.47
C TYR A 38 -18.83 -30.19 7.37
N TYR A 39 -18.03 -31.02 8.05
CA TYR A 39 -16.58 -30.83 8.06
C TYR A 39 -15.93 -31.30 6.76
N THR A 40 -15.44 -30.35 5.99
CA THR A 40 -14.81 -30.64 4.71
C THR A 40 -13.33 -30.28 4.75
N ILE A 41 -12.53 -30.96 3.94
CA ILE A 41 -11.10 -30.69 3.87
C ILE A 41 -10.59 -30.98 2.45
N GLY A 42 -9.39 -30.48 2.13
CA GLY A 42 -8.80 -30.70 0.83
C GLY A 42 -9.56 -30.01 -0.27
N ILE A 43 -10.05 -30.78 -1.24
CA ILE A 43 -10.83 -30.23 -2.33
C ILE A 43 -12.23 -30.85 -2.35
N GLY A 44 -13.10 -30.34 -1.48
CA GLY A 44 -14.48 -30.80 -1.42
C GLY A 44 -14.62 -32.22 -0.89
N HIS A 45 -13.68 -32.64 -0.05
CA HIS A 45 -13.71 -33.99 0.51
C HIS A 45 -14.49 -34.02 1.82
N LEU A 46 -15.68 -34.62 1.77
CA LEU A 46 -16.51 -34.76 2.97
C LEU A 46 -15.92 -35.79 3.93
N LEU A 47 -15.70 -35.36 5.16
CA LEU A 47 -15.16 -36.24 6.19
C LEU A 47 -16.27 -37.01 6.90
N THR A 48 -17.20 -36.26 7.52
CA THR A 48 -18.32 -36.85 8.22
C THR A 48 -19.46 -35.86 8.39
N LYS A 49 -20.66 -36.38 8.60
CA LYS A 49 -21.82 -35.54 8.86
C LYS A 49 -21.99 -35.33 10.37
N SER A 50 -21.04 -35.85 11.13
CA SER A 50 -21.05 -35.72 12.58
C SER A 50 -20.62 -34.32 13.01
N PRO A 51 -21.39 -33.70 13.91
CA PRO A 51 -21.11 -32.34 14.42
C PRO A 51 -19.79 -32.29 15.19
N SER A 52 -19.30 -33.44 15.65
CA SER A 52 -18.06 -33.49 16.42
C SER A 52 -16.84 -33.37 15.51
N LEU A 53 -15.95 -32.45 15.85
CA LEU A 53 -14.73 -32.24 15.07
C LEU A 53 -13.75 -33.40 15.27
N ASN A 54 -13.81 -34.02 16.44
CA ASN A 54 -12.94 -35.16 16.74
C ASN A 54 -13.23 -36.35 15.83
N ALA A 55 -14.51 -36.53 15.51
CA ALA A 55 -14.93 -37.58 14.60
C ALA A 55 -14.41 -37.30 13.19
N ALA A 56 -14.43 -36.02 12.81
CA ALA A 56 -13.89 -35.60 11.52
C ALA A 56 -12.40 -35.87 11.46
N LYS A 57 -11.70 -35.61 12.57
CA LYS A 57 -10.27 -35.88 12.65
C LYS A 57 -9.99 -37.37 12.57
N SER A 58 -10.88 -38.17 13.16
CA SER A 58 -10.74 -39.62 13.13
C SER A 58 -10.91 -40.16 11.72
N GLU A 59 -11.96 -39.71 11.04
CA GLU A 59 -12.22 -40.11 9.65
C GLU A 59 -11.09 -39.64 8.74
N LEU A 60 -10.55 -38.46 9.02
CA LEU A 60 -9.45 -37.90 8.24
C LEU A 60 -8.18 -38.72 8.41
N ASP A 61 -7.84 -39.04 9.65
CA ASP A 61 -6.66 -39.84 9.95
C ASP A 61 -6.81 -41.25 9.37
N LYS A 62 -8.03 -41.77 9.38
CA LYS A 62 -8.30 -43.09 8.83
C LYS A 62 -8.14 -43.09 7.31
N ALA A 63 -8.62 -42.02 6.67
CA ALA A 63 -8.56 -41.90 5.22
C ALA A 63 -7.13 -41.70 4.72
N ILE A 64 -6.40 -40.79 5.37
CA ILE A 64 -5.03 -40.50 4.97
C ILE A 64 -4.09 -41.66 5.28
N GLY A 65 -3.94 -41.96 6.57
CA GLY A 65 -3.09 -43.06 6.99
C GLY A 65 -2.05 -42.64 8.02
N ARG A 66 -2.29 -41.51 8.68
CA ARG A 66 -1.38 -41.01 9.69
C ARG A 66 -2.08 -40.04 10.63
N ASN A 67 -1.34 -39.53 11.61
CA ASN A 67 -1.87 -38.54 12.54
C ASN A 67 -1.71 -37.15 11.95
N THR A 68 -2.80 -36.62 11.40
CA THR A 68 -2.77 -35.37 10.64
C THR A 68 -3.04 -34.13 11.50
N ASN A 69 -3.68 -34.33 12.65
CA ASN A 69 -4.08 -33.23 13.52
C ASN A 69 -5.00 -32.22 12.83
N GLY A 70 -5.79 -32.69 11.88
CA GLY A 70 -6.74 -31.85 11.19
C GLY A 70 -6.14 -31.10 10.02
N VAL A 71 -4.84 -31.31 9.78
CA VAL A 71 -4.14 -30.62 8.70
C VAL A 71 -3.41 -31.61 7.79
N ILE A 72 -3.70 -31.54 6.50
CA ILE A 72 -3.02 -32.39 5.52
C ILE A 72 -2.13 -31.56 4.60
N THR A 73 -1.37 -32.23 3.75
CA THR A 73 -0.48 -31.56 2.81
C THR A 73 -1.10 -31.47 1.42
N LYS A 74 -0.41 -30.81 0.51
CA LYS A 74 -0.89 -30.65 -0.86
C LYS A 74 -1.02 -31.99 -1.57
N ASP A 75 0.02 -32.82 -1.43
CA ASP A 75 0.06 -34.14 -2.07
C ASP A 75 -1.14 -34.99 -1.64
N GLU A 76 -1.37 -35.04 -0.33
CA GLU A 76 -2.48 -35.82 0.22
C GLU A 76 -3.82 -35.26 -0.24
N ALA A 77 -3.89 -33.94 -0.39
CA ALA A 77 -5.11 -33.28 -0.84
C ALA A 77 -5.43 -33.65 -2.28
N GLU A 78 -4.40 -33.66 -3.12
CA GLU A 78 -4.56 -34.04 -4.52
C GLU A 78 -4.93 -35.51 -4.65
N LYS A 79 -4.30 -36.34 -3.81
CA LYS A 79 -4.60 -37.77 -3.78
C LYS A 79 -6.06 -38.00 -3.41
N LEU A 80 -6.53 -37.33 -2.37
CA LEU A 80 -7.94 -37.41 -1.97
C LEU A 80 -8.85 -36.90 -3.08
N PHE A 81 -8.41 -35.87 -3.78
CA PHE A 81 -9.18 -35.29 -4.87
C PHE A 81 -9.40 -36.30 -5.98
N ASN A 82 -8.31 -36.89 -6.47
CA ASN A 82 -8.40 -37.91 -7.51
C ASN A 82 -9.16 -39.16 -7.06
N GLN A 83 -8.98 -39.54 -5.81
CA GLN A 83 -9.71 -40.66 -5.25
C GLN A 83 -11.21 -40.40 -5.26
N ASP A 84 -11.61 -39.19 -4.88
CA ASP A 84 -13.02 -38.83 -4.83
C ASP A 84 -13.62 -38.70 -6.22
N VAL A 85 -12.84 -38.18 -7.17
CA VAL A 85 -13.29 -38.08 -8.55
C VAL A 85 -13.50 -39.46 -9.15
N ASP A 86 -12.52 -40.33 -8.97
CA ASP A 86 -12.61 -41.71 -9.46
C ASP A 86 -13.76 -42.46 -8.82
N ALA A 87 -13.96 -42.25 -7.52
CA ALA A 87 -15.07 -42.86 -6.79
C ALA A 87 -16.40 -42.34 -7.32
N ALA A 88 -16.42 -41.08 -7.73
CA ALA A 88 -17.61 -40.48 -8.31
C ALA A 88 -17.93 -41.14 -9.65
N VAL A 89 -16.91 -41.28 -10.48
CA VAL A 89 -17.07 -41.91 -11.80
C VAL A 89 -17.54 -43.35 -11.68
N ARG A 90 -16.89 -44.11 -10.80
CA ARG A 90 -17.26 -45.51 -10.56
C ARG A 90 -18.68 -45.59 -10.01
N GLY A 91 -19.04 -44.62 -9.17
CA GLY A 91 -20.39 -44.54 -8.64
C GLY A 91 -21.40 -44.30 -9.75
N ILE A 92 -21.02 -43.50 -10.73
CA ILE A 92 -21.88 -43.23 -11.88
C ILE A 92 -22.06 -44.49 -12.73
N LEU A 93 -20.95 -45.17 -13.00
CA LEU A 93 -20.98 -46.38 -13.83
C LEU A 93 -21.71 -47.53 -13.14
N ARG A 94 -21.72 -47.53 -11.81
CA ARG A 94 -22.36 -48.60 -11.05
C ARG A 94 -23.88 -48.40 -10.93
N ASN A 95 -24.32 -47.16 -11.07
CA ASN A 95 -25.74 -46.84 -10.93
C ASN A 95 -26.52 -47.08 -12.21
N ALA A 96 -27.78 -47.45 -12.07
CA ALA A 96 -28.63 -47.78 -13.22
C ALA A 96 -29.30 -46.57 -13.83
N LYS A 97 -29.30 -45.46 -13.08
CA LYS A 97 -29.92 -44.22 -13.55
C LYS A 97 -28.90 -43.26 -14.12
N LEU A 98 -27.66 -43.35 -13.66
CA LEU A 98 -26.61 -42.42 -14.06
C LEU A 98 -25.90 -42.85 -15.34
N LYS A 99 -25.60 -44.14 -15.45
CA LYS A 99 -24.84 -44.67 -16.59
C LYS A 99 -25.49 -44.48 -17.97
N PRO A 100 -26.80 -44.77 -18.11
CA PRO A 100 -27.43 -44.51 -19.41
C PRO A 100 -27.38 -43.04 -19.80
N VAL A 101 -27.39 -42.17 -18.80
CA VAL A 101 -27.26 -40.73 -19.04
C VAL A 101 -25.80 -40.38 -19.31
N TYR A 102 -24.91 -40.92 -18.49
CA TYR A 102 -23.48 -40.65 -18.58
C TYR A 102 -22.90 -41.00 -19.95
N ASP A 103 -23.35 -42.13 -20.50
CA ASP A 103 -22.87 -42.57 -21.81
C ASP A 103 -23.36 -41.66 -22.93
N SER A 104 -24.61 -41.20 -22.82
CA SER A 104 -25.19 -40.34 -23.83
C SER A 104 -24.88 -38.86 -23.58
N LEU A 105 -23.69 -38.61 -23.03
CA LEU A 105 -23.23 -37.25 -22.79
C LEU A 105 -21.85 -37.01 -23.36
N ASP A 106 -21.62 -35.82 -23.89
CA ASP A 106 -20.30 -35.43 -24.36
C ASP A 106 -19.37 -35.23 -23.16
N ALA A 107 -18.08 -35.06 -23.44
CA ALA A 107 -17.07 -34.95 -22.39
C ALA A 107 -17.36 -33.85 -21.37
N VAL A 108 -17.81 -32.71 -21.85
CA VAL A 108 -18.08 -31.55 -20.99
C VAL A 108 -19.26 -31.81 -20.05
N ARG A 109 -20.38 -32.24 -20.62
CA ARG A 109 -21.57 -32.55 -19.83
C ARG A 109 -21.32 -33.74 -18.92
N ARG A 110 -20.47 -34.66 -19.37
CA ARG A 110 -20.02 -35.76 -18.53
C ARG A 110 -19.30 -35.20 -17.31
N ALA A 111 -18.45 -34.20 -17.54
CA ALA A 111 -17.74 -33.55 -16.45
C ALA A 111 -18.71 -32.85 -15.51
N ALA A 112 -19.80 -32.33 -16.05
CA ALA A 112 -20.82 -31.69 -15.22
C ALA A 112 -21.52 -32.71 -14.31
N LEU A 113 -21.88 -33.86 -14.89
CA LEU A 113 -22.51 -34.93 -14.13
C LEU A 113 -21.58 -35.46 -13.04
N ILE A 114 -20.32 -35.68 -13.42
CA ILE A 114 -19.29 -36.12 -12.48
C ILE A 114 -19.11 -35.08 -11.38
N ASN A 115 -19.30 -33.81 -11.72
CA ASN A 115 -19.24 -32.73 -10.74
C ASN A 115 -20.38 -32.87 -9.73
N MET A 116 -21.60 -33.05 -10.23
CA MET A 116 -22.76 -33.24 -9.36
C MET A 116 -22.58 -34.44 -8.42
N VAL A 117 -22.17 -35.57 -8.99
CA VAL A 117 -21.97 -36.80 -8.21
C VAL A 117 -20.84 -36.62 -7.18
N PHE A 118 -19.82 -35.87 -7.58
CA PHE A 118 -18.71 -35.55 -6.70
C PHE A 118 -19.21 -34.75 -5.50
N GLN A 119 -20.13 -33.83 -5.76
CA GLN A 119 -20.63 -32.95 -4.72
C GLN A 119 -21.61 -33.64 -3.76
N MET A 120 -22.70 -34.17 -4.29
CA MET A 120 -23.76 -34.68 -3.43
C MET A 120 -23.98 -36.19 -3.50
N GLY A 121 -22.95 -36.92 -3.89
CA GLY A 121 -22.99 -38.38 -3.88
C GLY A 121 -23.74 -39.00 -5.05
N GLU A 122 -23.64 -40.32 -5.16
CA GLU A 122 -24.25 -41.06 -6.26
C GLU A 122 -25.78 -41.09 -6.17
N THR A 123 -26.30 -41.51 -5.02
CA THR A 123 -27.73 -41.69 -4.82
C THR A 123 -28.49 -40.37 -4.98
N GLY A 124 -27.94 -39.30 -4.42
CA GLY A 124 -28.57 -37.99 -4.49
C GLY A 124 -28.75 -37.51 -5.92
N VAL A 125 -27.70 -37.68 -6.74
CA VAL A 125 -27.76 -37.31 -8.15
C VAL A 125 -28.71 -38.25 -8.90
N ALA A 126 -28.72 -39.51 -8.50
CA ALA A 126 -29.62 -40.49 -9.08
C ALA A 126 -31.08 -40.15 -8.73
N GLY A 127 -31.25 -39.29 -7.72
CA GLY A 127 -32.57 -38.83 -7.34
C GLY A 127 -33.21 -37.93 -8.39
N PHE A 128 -32.38 -37.19 -9.11
CA PHE A 128 -32.85 -36.32 -10.18
C PHE A 128 -33.42 -37.13 -11.34
N THR A 129 -34.63 -37.63 -11.17
CA THR A 129 -35.26 -38.46 -12.20
C THR A 129 -35.55 -37.66 -13.47
N ASN A 130 -36.29 -36.58 -13.32
CA ASN A 130 -36.67 -35.73 -14.45
C ASN A 130 -35.47 -35.11 -15.17
N SER A 131 -34.54 -34.54 -14.41
CA SER A 131 -33.38 -33.89 -14.99
C SER A 131 -32.54 -34.86 -15.82
N LEU A 132 -32.28 -36.04 -15.28
CA LEU A 132 -31.53 -37.05 -16.01
C LEU A 132 -32.33 -37.58 -17.21
N ARG A 133 -33.65 -37.62 -17.06
CA ARG A 133 -34.52 -38.07 -18.14
C ARG A 133 -34.48 -37.07 -19.30
N MET A 134 -34.22 -35.81 -18.97
CA MET A 134 -34.12 -34.76 -19.98
C MET A 134 -32.71 -34.68 -20.57
N LEU A 135 -31.70 -34.98 -19.76
CA LEU A 135 -30.33 -34.98 -20.23
C LEU A 135 -30.11 -36.16 -21.18
N GLN A 136 -30.80 -37.26 -20.91
CA GLN A 136 -30.69 -38.45 -21.74
C GLN A 136 -31.34 -38.22 -23.10
N GLN A 137 -32.39 -37.42 -23.13
CA GLN A 137 -33.07 -37.09 -24.38
C GLN A 137 -32.47 -35.84 -25.02
N LYS A 138 -31.34 -35.39 -24.46
CA LYS A 138 -30.62 -34.22 -24.97
C LYS A 138 -31.46 -32.95 -24.96
N ARG A 139 -32.16 -32.71 -23.86
CA ARG A 139 -32.93 -31.49 -23.68
C ARG A 139 -32.26 -30.63 -22.62
N TRP A 140 -31.22 -29.91 -23.03
CA TRP A 140 -30.34 -29.22 -22.10
C TRP A 140 -30.99 -28.02 -21.41
N ASP A 141 -31.80 -27.27 -22.14
CA ASP A 141 -32.42 -26.07 -21.58
C ASP A 141 -33.51 -26.41 -20.56
N GLU A 142 -34.33 -27.41 -20.90
CA GLU A 142 -35.37 -27.87 -19.98
C GLU A 142 -34.74 -28.44 -18.71
N ALA A 143 -33.66 -29.18 -18.87
CA ALA A 143 -32.94 -29.74 -17.74
C ALA A 143 -32.29 -28.65 -16.91
N ALA A 144 -31.89 -27.56 -17.57
CA ALA A 144 -31.31 -26.41 -16.90
C ALA A 144 -32.34 -25.72 -16.02
N VAL A 145 -33.49 -25.39 -16.62
CA VAL A 145 -34.58 -24.76 -15.91
C VAL A 145 -35.06 -25.62 -14.75
N ASN A 146 -35.15 -26.93 -15.00
CA ASN A 146 -35.60 -27.87 -13.97
C ASN A 146 -34.61 -28.02 -12.83
N LEU A 147 -33.31 -28.05 -13.16
CA LEU A 147 -32.27 -28.11 -12.14
C LEU A 147 -32.17 -26.79 -11.39
N ALA A 148 -32.72 -25.73 -11.97
CA ALA A 148 -32.77 -24.43 -11.32
C ALA A 148 -33.97 -24.32 -10.37
N LYS A 149 -34.57 -25.46 -10.04
CA LYS A 149 -35.73 -25.49 -9.15
C LYS A 149 -35.52 -26.49 -8.02
N SER A 150 -34.27 -26.87 -7.77
CA SER A 150 -33.97 -27.87 -6.75
C SER A 150 -33.46 -27.23 -5.46
N ARG A 151 -33.21 -28.06 -4.46
CA ARG A 151 -32.62 -27.60 -3.20
C ARG A 151 -31.13 -27.38 -3.38
N TRP A 152 -30.55 -28.08 -4.35
CA TRP A 152 -29.14 -27.95 -4.68
C TRP A 152 -28.86 -26.54 -5.21
N TYR A 153 -29.82 -25.99 -5.95
CA TYR A 153 -29.69 -24.64 -6.48
C TYR A 153 -29.94 -23.59 -5.41
N ASN A 154 -30.68 -23.99 -4.37
CA ASN A 154 -31.02 -23.07 -3.29
C ASN A 154 -29.95 -23.01 -2.20
N GLN A 155 -29.16 -24.08 -2.09
CA GLN A 155 -28.11 -24.13 -1.07
C GLN A 155 -26.78 -23.56 -1.57
N THR A 156 -26.43 -23.88 -2.81
CA THR A 156 -25.23 -23.34 -3.44
C THR A 156 -25.54 -22.77 -4.82
N PRO A 157 -26.11 -21.56 -4.85
CA PRO A 157 -26.62 -20.94 -6.09
C PRO A 157 -25.56 -20.69 -7.16
N ASN A 158 -24.37 -20.25 -6.76
CA ASN A 158 -23.32 -19.93 -7.72
C ASN A 158 -22.80 -21.14 -8.47
N ARG A 159 -22.32 -22.13 -7.72
CA ARG A 159 -21.80 -23.35 -8.31
C ARG A 159 -22.87 -24.07 -9.13
N ALA A 160 -24.09 -24.08 -8.61
CA ALA A 160 -25.22 -24.65 -9.33
C ALA A 160 -25.45 -23.93 -10.64
N LYS A 161 -25.32 -22.60 -10.62
CA LYS A 161 -25.48 -21.80 -11.83
C LYS A 161 -24.40 -22.15 -12.86
N ARG A 162 -23.17 -22.29 -12.40
CA ARG A 162 -22.06 -22.63 -13.29
C ARG A 162 -22.23 -24.02 -13.91
N VAL A 163 -22.55 -25.01 -13.08
CA VAL A 163 -22.72 -26.38 -13.55
C VAL A 163 -23.91 -26.51 -14.50
N ILE A 164 -25.03 -25.87 -14.14
CA ILE A 164 -26.22 -25.84 -14.99
C ILE A 164 -25.91 -25.19 -16.34
N THR A 165 -25.15 -24.09 -16.30
CA THR A 165 -24.74 -23.41 -17.52
C THR A 165 -23.88 -24.36 -18.38
N THR A 166 -23.02 -25.11 -17.71
CA THR A 166 -22.16 -26.08 -18.38
C THR A 166 -22.99 -27.17 -19.06
N PHE A 167 -24.06 -27.59 -18.40
CA PHE A 167 -24.98 -28.56 -18.97
C PHE A 167 -25.70 -27.98 -20.19
N ARG A 168 -26.12 -26.73 -20.08
CA ARG A 168 -26.91 -26.08 -21.11
C ARG A 168 -26.10 -25.81 -22.37
N THR A 169 -25.06 -24.99 -22.25
CA THR A 169 -24.25 -24.59 -23.38
C THR A 169 -23.45 -25.76 -23.95
N GLY A 170 -22.95 -26.62 -23.06
CA GLY A 170 -22.13 -27.75 -23.47
C GLY A 170 -20.67 -27.34 -23.62
N THR A 171 -20.39 -26.08 -23.31
CA THR A 171 -19.03 -25.56 -23.39
C THR A 171 -18.50 -25.24 -22.00
N TRP A 172 -17.34 -24.58 -21.95
CA TRP A 172 -16.73 -24.22 -20.68
C TRP A 172 -16.79 -22.72 -20.44
N ASP A 173 -17.81 -22.07 -21.01
CA ASP A 173 -17.97 -20.62 -20.87
C ASP A 173 -18.12 -20.17 -19.43
N ALA A 174 -18.68 -21.04 -18.58
CA ALA A 174 -18.90 -20.72 -17.17
C ALA A 174 -17.61 -20.74 -16.36
N TYR A 175 -16.59 -21.41 -16.88
CA TYR A 175 -15.32 -21.58 -16.16
C TYR A 175 -14.14 -20.95 -16.89
N ALA A 176 -14.32 -20.62 -18.16
CA ALA A 176 -13.24 -20.06 -18.95
C ALA A 176 -12.96 -18.59 -18.61
N ALA A 177 -13.87 -17.98 -17.85
CA ALA A 177 -13.75 -16.56 -17.51
C ALA A 177 -12.73 -16.29 -16.41
N ASP A 178 -12.16 -17.36 -15.85
CA ASP A 178 -11.17 -17.22 -14.78
C ASP A 178 -9.77 -17.06 -15.36
N GLU A 179 -9.40 -17.96 -16.27
CA GLU A 179 -8.09 -17.91 -16.89
C GLU A 179 -7.73 -16.50 -17.33
N VAL A 180 -8.69 -15.80 -17.92
CA VAL A 180 -8.48 -14.43 -18.37
C VAL A 180 -8.18 -13.50 -17.21
N TRP A 181 -8.71 -13.84 -16.04
CA TRP A 181 -8.50 -13.04 -14.84
C TRP A 181 -7.08 -13.22 -14.30
N VAL A 182 -6.54 -14.42 -14.47
CA VAL A 182 -5.19 -14.73 -14.01
C VAL A 182 -4.17 -13.78 -14.64
N VAL A 183 -4.08 -13.82 -15.96
CA VAL A 183 -3.14 -12.96 -16.69
C VAL A 183 -3.56 -11.50 -16.55
N GLY A 184 -4.88 -11.30 -16.47
CA GLY A 184 -5.45 -9.98 -16.27
C GLY A 184 -4.93 -9.28 -15.03
N MET A 185 -4.64 -10.03 -13.98
CA MET A 185 -4.03 -9.44 -12.79
C MET A 185 -2.51 -9.51 -12.88
N GLY A 186 -2.00 -10.46 -13.65
CA GLY A 186 -0.57 -10.56 -13.88
C GLY A 186 0.02 -9.28 -14.47
N ILE A 187 -0.61 -8.80 -15.54
CA ILE A 187 -0.14 -7.57 -16.18
C ILE A 187 -0.23 -6.38 -15.24
N VAL A 188 -1.23 -6.40 -14.36
CA VAL A 188 -1.37 -5.37 -13.34
C VAL A 188 -0.18 -5.39 -12.40
N MET A 189 0.21 -6.59 -11.97
CA MET A 189 1.39 -6.75 -11.12
C MET A 189 2.63 -6.20 -11.83
N SER A 190 2.78 -6.53 -13.10
CA SER A 190 3.88 -6.02 -13.91
C SER A 190 3.92 -4.49 -13.89
N LEU A 191 2.78 -3.87 -14.18
CA LEU A 191 2.67 -2.41 -14.18
C LEU A 191 3.03 -1.82 -12.82
N ILE A 192 2.64 -2.52 -11.75
CA ILE A 192 2.96 -2.09 -10.40
C ILE A 192 4.47 -2.06 -10.19
N VAL A 193 5.13 -3.18 -10.48
CA VAL A 193 6.59 -3.26 -10.35
C VAL A 193 7.28 -2.15 -11.14
N LEU A 194 6.91 -2.03 -12.41
CA LEU A 194 7.46 -1.01 -13.30
C LEU A 194 7.31 0.40 -12.72
N ALA A 195 6.09 0.74 -12.32
CA ALA A 195 5.81 2.06 -11.77
C ALA A 195 6.63 2.35 -10.51
N ILE A 196 6.64 1.41 -9.57
CA ILE A 196 7.39 1.58 -8.33
C ILE A 196 8.89 1.79 -8.59
N VAL A 197 9.50 0.85 -9.31
CA VAL A 197 10.93 0.91 -9.59
C VAL A 197 11.30 2.19 -10.33
N PHE A 198 10.59 2.47 -11.42
CA PHE A 198 10.85 3.68 -12.22
C PHE A 198 10.75 4.95 -11.37
N GLY A 199 9.63 5.09 -10.67
CA GLY A 199 9.40 6.26 -9.83
C GLY A 199 10.46 6.47 -8.78
N ASN A 200 10.74 5.45 -7.99
CA ASN A 200 11.71 5.57 -6.91
C ASN A 200 13.16 5.76 -7.38
N VAL A 201 13.54 5.08 -8.46
CA VAL A 201 14.85 5.28 -9.05
C VAL A 201 14.97 6.72 -9.54
N LEU A 202 13.90 7.22 -10.14
CA LEU A 202 13.85 8.60 -10.59
C LEU A 202 14.05 9.59 -9.44
N VAL A 203 13.32 9.38 -8.34
CA VAL A 203 13.43 10.24 -7.17
C VAL A 203 14.84 10.22 -6.57
N ILE A 204 15.36 9.03 -6.30
CA ILE A 204 16.68 8.87 -5.73
C ILE A 204 17.76 9.51 -6.60
N THR A 205 17.66 9.29 -7.92
CA THR A 205 18.61 9.88 -8.86
C THR A 205 18.52 11.40 -8.83
N ALA A 206 17.29 11.91 -8.75
CA ALA A 206 17.06 13.34 -8.73
C ALA A 206 17.68 14.00 -7.50
N ILE A 207 17.47 13.41 -6.34
CA ILE A 207 18.01 13.95 -5.10
C ILE A 207 19.54 13.80 -5.04
N ALA A 208 20.05 12.71 -5.61
CA ALA A 208 21.48 12.44 -5.57
C ALA A 208 22.29 13.34 -6.50
N LYS A 209 21.79 13.52 -7.72
CA LYS A 209 22.52 14.27 -8.75
C LYS A 209 22.54 15.77 -8.51
N PHE A 210 21.36 16.35 -8.29
CA PHE A 210 21.24 17.80 -8.14
C PHE A 210 21.61 18.28 -6.74
N GLU A 211 22.15 19.50 -6.67
CA GLU A 211 22.61 20.07 -5.41
C GLU A 211 21.54 20.93 -4.75
N ARG A 212 20.58 21.40 -5.54
CA ARG A 212 19.50 22.22 -5.03
C ARG A 212 18.45 21.38 -4.31
N LEU A 213 18.57 20.07 -4.43
CA LEU A 213 17.65 19.14 -3.77
C LEU A 213 18.30 18.48 -2.56
N GLN A 214 19.31 19.13 -2.00
CA GLN A 214 20.04 18.60 -0.85
C GLN A 214 19.53 19.18 0.45
N THR A 215 18.29 18.84 0.81
CA THR A 215 17.69 19.30 2.06
C THR A 215 17.32 18.13 2.95
N VAL A 216 17.16 18.39 4.24
CA VAL A 216 16.83 17.38 5.23
C VAL A 216 15.55 16.62 4.85
N THR A 217 14.51 17.37 4.52
CA THR A 217 13.26 16.79 4.04
C THR A 217 13.53 15.84 2.89
N ASN A 218 14.39 16.26 1.96
CA ASN A 218 14.76 15.44 0.82
C ASN A 218 15.65 14.25 1.20
N TYR A 219 16.32 14.33 2.34
CA TYR A 219 17.05 13.18 2.86
C TYR A 219 16.05 12.13 3.32
N PHE A 220 15.01 12.58 4.02
CA PHE A 220 13.93 11.69 4.43
C PHE A 220 13.24 11.10 3.21
N ILE A 221 13.05 11.92 2.18
CA ILE A 221 12.49 11.48 0.92
C ILE A 221 13.38 10.41 0.29
N THR A 222 14.69 10.58 0.43
CA THR A 222 15.64 9.61 -0.09
C THR A 222 15.47 8.27 0.62
N SER A 223 15.35 8.32 1.94
CA SER A 223 15.14 7.11 2.73
C SER A 223 13.85 6.39 2.31
N LEU A 224 12.76 7.14 2.25
CA LEU A 224 11.46 6.60 1.83
C LEU A 224 11.55 5.96 0.44
N ALA A 225 12.21 6.67 -0.48
CA ALA A 225 12.35 6.21 -1.85
C ALA A 225 13.21 4.95 -1.93
N CYS A 226 14.16 4.83 -1.02
CA CYS A 226 15.00 3.63 -0.95
C CYS A 226 14.17 2.45 -0.48
N ALA A 227 13.39 2.67 0.58
CA ALA A 227 12.50 1.63 1.10
C ALA A 227 11.55 1.14 0.01
N ASP A 228 10.92 2.08 -0.69
CA ASP A 228 10.00 1.73 -1.76
C ASP A 228 10.71 1.10 -2.95
N LEU A 229 11.98 1.44 -3.15
CA LEU A 229 12.76 0.87 -4.24
C LEU A 229 13.06 -0.59 -3.98
N VAL A 230 13.52 -0.90 -2.76
CA VAL A 230 13.77 -2.28 -2.38
C VAL A 230 12.43 -3.04 -2.35
N MET A 231 11.36 -2.33 -2.05
CA MET A 231 10.01 -2.88 -2.14
C MET A 231 9.70 -3.36 -3.55
N GLY A 232 9.94 -2.49 -4.53
CA GLY A 232 9.62 -2.79 -5.92
C GLY A 232 10.59 -3.74 -6.61
N LEU A 233 11.80 -3.83 -6.08
CA LEU A 233 12.82 -4.68 -6.70
C LEU A 233 12.85 -6.10 -6.14
N ALA A 234 12.51 -6.24 -4.85
CA ALA A 234 12.63 -7.53 -4.18
C ALA A 234 11.28 -8.14 -3.79
N VAL A 235 10.56 -7.46 -2.91
CA VAL A 235 9.31 -7.98 -2.36
C VAL A 235 8.24 -8.24 -3.41
N VAL A 236 7.87 -7.19 -4.14
CA VAL A 236 6.80 -7.29 -5.14
C VAL A 236 7.01 -8.32 -6.26
N PRO A 237 8.20 -8.36 -6.88
CA PRO A 237 8.37 -9.35 -7.96
C PRO A 237 8.30 -10.80 -7.45
N PHE A 238 9.03 -11.10 -6.39
CA PHE A 238 9.04 -12.45 -5.82
C PHE A 238 7.66 -12.84 -5.33
N GLY A 239 6.92 -11.87 -4.80
CA GLY A 239 5.56 -12.09 -4.38
C GLY A 239 4.65 -12.43 -5.55
N ALA A 240 4.86 -11.72 -6.67
CA ALA A 240 4.10 -11.97 -7.88
C ALA A 240 4.38 -13.36 -8.42
N ALA A 241 5.65 -13.77 -8.39
CA ALA A 241 6.05 -15.09 -8.82
C ALA A 241 5.45 -16.17 -7.92
N HIS A 242 5.38 -15.86 -6.62
CA HIS A 242 4.81 -16.79 -5.65
C HIS A 242 3.31 -16.96 -5.86
N ILE A 243 2.64 -15.87 -6.20
CA ILE A 243 1.20 -15.89 -6.40
C ILE A 243 0.79 -16.57 -7.71
N LEU A 244 1.42 -16.14 -8.81
CA LEU A 244 1.05 -16.63 -10.13
C LEU A 244 1.34 -18.12 -10.33
N THR A 245 2.52 -18.55 -9.89
CA THR A 245 2.93 -19.95 -10.09
C THR A 245 2.32 -20.89 -9.05
N LYS A 246 1.43 -20.36 -8.22
CA LYS A 246 0.70 -21.13 -7.22
C LYS A 246 1.56 -21.71 -6.10
N THR A 247 2.88 -21.68 -6.27
CA THR A 247 3.80 -22.22 -5.27
C THR A 247 5.00 -21.30 -5.02
N TRP A 248 6.05 -21.87 -4.42
CA TRP A 248 7.28 -21.14 -4.14
C TRP A 248 8.48 -21.99 -4.50
N THR A 249 9.31 -21.50 -5.41
CA THR A 249 10.45 -22.27 -5.89
C THR A 249 11.78 -21.56 -5.65
N PHE A 250 12.12 -21.35 -4.38
CA PHE A 250 13.38 -20.71 -4.02
C PHE A 250 13.97 -21.29 -2.74
N GLY A 251 13.12 -21.93 -1.93
CA GLY A 251 13.56 -22.54 -0.69
C GLY A 251 13.05 -21.82 0.54
N ASN A 252 13.15 -22.48 1.70
CA ASN A 252 12.69 -21.89 2.95
C ASN A 252 13.51 -20.69 3.38
N PHE A 253 14.83 -20.79 3.20
CA PHE A 253 15.73 -19.71 3.57
C PHE A 253 15.39 -18.42 2.83
N TRP A 254 15.27 -18.52 1.51
CA TRP A 254 14.92 -17.36 0.69
C TRP A 254 13.48 -16.91 0.92
N CYS A 255 12.66 -17.84 1.41
CA CYS A 255 11.29 -17.50 1.78
C CYS A 255 11.28 -16.57 2.98
N GLU A 256 11.92 -16.98 4.06
CA GLU A 256 11.98 -16.17 5.27
C GLU A 256 12.82 -14.90 5.07
N PHE A 257 13.76 -14.96 4.13
CA PHE A 257 14.57 -13.80 3.79
C PHE A 257 13.72 -12.76 3.05
N TRP A 258 12.95 -13.24 2.08
CA TRP A 258 12.01 -12.40 1.35
C TRP A 258 10.96 -11.80 2.27
N THR A 259 10.52 -12.59 3.25
CA THR A 259 9.58 -12.12 4.27
C THR A 259 10.22 -11.02 5.11
N SER A 260 11.49 -11.23 5.46
CA SER A 260 12.24 -10.26 6.23
C SER A 260 12.36 -8.94 5.48
N ILE A 261 12.64 -9.02 4.19
CA ILE A 261 12.71 -7.83 3.34
C ILE A 261 11.34 -7.16 3.27
N ASP A 262 10.28 -7.95 3.21
CA ASP A 262 8.91 -7.43 3.22
C ASP A 262 8.68 -6.55 4.45
N VAL A 263 8.77 -7.17 5.62
CA VAL A 263 8.54 -6.48 6.89
C VAL A 263 9.45 -5.26 7.06
N LEU A 264 10.73 -5.45 6.78
CA LEU A 264 11.71 -4.38 6.88
C LEU A 264 11.34 -3.18 6.02
N CYS A 265 11.06 -3.44 4.74
CA CYS A 265 10.72 -2.38 3.80
C CYS A 265 9.43 -1.64 4.15
N VAL A 266 8.41 -2.40 4.53
CA VAL A 266 7.13 -1.78 4.91
C VAL A 266 7.30 -0.90 6.15
N THR A 267 7.93 -1.46 7.18
CA THR A 267 8.17 -0.73 8.42
C THR A 267 8.97 0.54 8.17
N ALA A 268 10.10 0.40 7.46
CA ALA A 268 10.96 1.52 7.14
C ALA A 268 10.20 2.61 6.36
N SER A 269 9.40 2.18 5.40
CA SER A 269 8.60 3.11 4.60
C SER A 269 7.63 3.92 5.46
N ILE A 270 6.81 3.23 6.24
CA ILE A 270 5.80 3.91 7.05
C ILE A 270 6.42 4.81 8.12
N GLU A 271 7.41 4.29 8.82
CA GLU A 271 8.09 5.07 9.86
C GLU A 271 8.80 6.28 9.26
N THR A 272 9.35 6.12 8.06
CA THR A 272 9.96 7.26 7.36
C THR A 272 8.90 8.29 7.00
N LEU A 273 7.70 7.82 6.64
CA LEU A 273 6.58 8.73 6.40
C LEU A 273 6.26 9.54 7.65
N CYS A 274 6.28 8.86 8.80
CA CYS A 274 6.07 9.53 10.08
C CYS A 274 7.13 10.60 10.32
N VAL A 275 8.40 10.23 10.12
CA VAL A 275 9.51 11.16 10.27
C VAL A 275 9.35 12.37 9.37
N ILE A 276 8.89 12.15 8.14
CA ILE A 276 8.60 13.23 7.21
C ILE A 276 7.51 14.15 7.75
N ALA A 277 6.45 13.55 8.29
CA ALA A 277 5.35 14.32 8.86
C ALA A 277 5.83 15.25 9.99
N VAL A 278 6.55 14.67 10.95
CA VAL A 278 7.10 15.46 12.06
C VAL A 278 8.04 16.55 11.55
N ASP A 279 8.93 16.17 10.63
CA ASP A 279 9.87 17.08 10.02
C ASP A 279 9.18 18.30 9.43
N ARG A 280 8.13 18.07 8.65
CA ARG A 280 7.39 19.17 8.03
C ARG A 280 6.63 19.98 9.07
N TYR A 281 6.17 19.32 10.13
CA TYR A 281 5.52 20.05 11.22
C TYR A 281 6.46 21.06 11.83
N PHE A 282 7.67 20.63 12.19
CA PHE A 282 8.64 21.52 12.80
C PHE A 282 9.17 22.54 11.80
N ALA A 283 9.20 22.17 10.52
CA ALA A 283 9.70 23.06 9.47
C ALA A 283 8.71 24.19 9.20
N ILE A 284 7.43 23.91 9.39
CA ILE A 284 6.37 24.90 9.12
C ILE A 284 6.03 25.74 10.35
N THR A 285 5.87 25.08 11.48
CA THR A 285 5.49 25.75 12.73
C THR A 285 6.63 26.60 13.30
N SER A 286 7.79 25.97 13.50
CA SER A 286 8.94 26.67 14.05
C SER A 286 10.16 26.52 13.14
N PRO A 287 10.19 27.30 12.04
CA PRO A 287 11.18 27.14 10.97
C PRO A 287 12.61 27.49 11.38
N PHE A 288 12.77 28.50 12.23
CA PHE A 288 14.10 28.96 12.64
C PHE A 288 14.77 27.93 13.54
N LYS A 289 14.03 27.46 14.54
CA LYS A 289 14.53 26.41 15.43
C LYS A 289 14.74 25.12 14.65
N TYR A 290 13.90 24.88 13.65
CA TYR A 290 14.02 23.71 12.79
C TYR A 290 15.32 23.75 12.00
N GLN A 291 15.67 24.95 11.52
CA GLN A 291 16.86 25.11 10.70
C GLN A 291 18.13 25.12 11.56
N SER A 292 17.99 25.57 12.81
CA SER A 292 19.13 25.64 13.72
C SER A 292 19.46 24.28 14.33
N LEU A 293 18.44 23.57 14.78
CA LEU A 293 18.62 22.30 15.48
C LEU A 293 18.92 21.13 14.54
N LEU A 294 17.93 20.77 13.73
CA LEU A 294 18.04 19.62 12.84
C LEU A 294 19.10 19.82 11.75
N THR A 295 20.27 19.24 11.95
CA THR A 295 21.33 19.27 10.94
C THR A 295 21.25 18.01 10.07
N LYS A 296 22.11 17.92 9.06
CA LYS A 296 22.12 16.75 8.19
C LYS A 296 22.62 15.51 8.93
N ASN A 297 23.55 15.70 9.85
CA ASN A 297 24.06 14.60 10.66
C ASN A 297 22.99 14.05 11.60
N LYS A 298 22.26 14.94 12.23
CA LYS A 298 21.16 14.55 13.11
C LYS A 298 20.10 13.78 12.33
N ALA A 299 19.80 14.26 11.13
CA ALA A 299 18.84 13.60 10.25
C ALA A 299 19.33 12.22 9.86
N ARG A 300 20.62 12.11 9.58
CA ARG A 300 21.23 10.82 9.24
C ARG A 300 21.13 9.85 10.39
N VAL A 301 21.36 10.34 11.61
CA VAL A 301 21.23 9.53 12.81
C VAL A 301 19.79 9.06 12.98
N ILE A 302 18.84 9.96 12.69
CA ILE A 302 17.42 9.62 12.72
C ILE A 302 17.11 8.48 11.74
N ILE A 303 17.61 8.60 10.51
CA ILE A 303 17.43 7.58 9.48
C ILE A 303 17.99 6.23 9.93
N LEU A 304 19.21 6.28 10.48
CA LEU A 304 19.85 5.07 11.00
C LEU A 304 19.00 4.43 12.09
N MET A 305 18.43 5.26 12.96
CA MET A 305 17.56 4.77 14.03
C MET A 305 16.31 4.11 13.47
N VAL A 306 15.71 4.73 12.45
CA VAL A 306 14.52 4.19 11.81
C VAL A 306 14.80 2.83 11.17
N TRP A 307 15.91 2.73 10.44
CA TRP A 307 16.28 1.48 9.82
C TRP A 307 16.66 0.40 10.84
N ILE A 308 17.21 0.82 11.97
CA ILE A 308 17.55 -0.11 13.05
C ILE A 308 16.29 -0.67 13.71
N VAL A 309 15.34 0.21 14.02
CA VAL A 309 14.06 -0.22 14.58
C VAL A 309 13.33 -1.14 13.60
N SER A 310 13.39 -0.78 12.32
CA SER A 310 12.76 -1.57 11.28
C SER A 310 13.40 -2.96 11.16
N GLY A 311 14.72 -3.00 11.29
CA GLY A 311 15.45 -4.26 11.23
C GLY A 311 15.21 -5.13 12.45
N LEU A 312 14.98 -4.49 13.59
CA LEU A 312 14.74 -5.22 14.84
C LEU A 312 13.38 -5.90 14.85
N THR A 313 12.47 -5.42 14.02
CA THR A 313 11.11 -5.97 13.96
C THR A 313 10.92 -6.85 12.73
N SER A 314 11.99 -7.01 11.95
CA SER A 314 11.92 -7.80 10.72
C SER A 314 12.90 -8.95 10.71
N PHE A 315 14.15 -8.66 10.35
CA PHE A 315 15.18 -9.69 10.21
C PHE A 315 15.48 -10.44 11.51
N LEU A 316 15.57 -9.71 12.62
CA LEU A 316 15.91 -10.31 13.90
C LEU A 316 14.92 -11.39 14.39
N PRO A 317 13.61 -11.06 14.44
CA PRO A 317 12.69 -12.12 14.92
C PRO A 317 12.51 -13.23 13.90
N ILE A 318 12.50 -12.89 12.62
CA ILE A 318 12.24 -13.86 11.56
C ILE A 318 13.37 -14.87 11.38
N GLN A 319 14.61 -14.37 11.34
CA GLN A 319 15.77 -15.25 11.16
C GLN A 319 16.06 -16.07 12.42
N MET A 320 15.47 -15.66 13.53
CA MET A 320 15.60 -16.40 14.78
C MET A 320 14.37 -17.25 15.08
N HIS A 321 13.48 -17.31 14.09
CA HIS A 321 12.25 -18.11 14.18
C HIS A 321 11.35 -17.72 15.36
N TRP A 322 11.47 -16.49 15.82
CA TRP A 322 10.65 -15.99 16.91
C TRP A 322 9.23 -15.69 16.44
N TYR A 323 9.11 -15.28 15.17
CA TYR A 323 7.82 -14.89 14.60
C TYR A 323 6.94 -16.10 14.31
N ARG A 324 7.56 -17.28 14.31
CA ARG A 324 6.88 -18.50 13.90
C ARG A 324 5.70 -18.86 14.79
N ALA A 325 4.68 -19.46 14.18
CA ALA A 325 3.50 -19.90 14.90
C ALA A 325 3.69 -21.33 15.39
N THR A 326 2.68 -21.88 16.06
CA THR A 326 2.80 -23.21 16.63
C THR A 326 1.78 -24.21 16.07
N HIS A 327 0.72 -23.71 15.44
CA HIS A 327 -0.32 -24.58 14.93
C HIS A 327 0.19 -25.47 13.80
N GLN A 328 -0.51 -26.58 13.56
CA GLN A 328 -0.02 -27.64 12.68
C GLN A 328 0.29 -27.20 11.25
N GLU A 329 -0.60 -26.42 10.66
CA GLU A 329 -0.42 -25.97 9.29
C GLU A 329 0.81 -25.09 9.15
N ALA A 330 1.09 -24.30 10.18
CA ALA A 330 2.28 -23.45 10.19
C ALA A 330 3.54 -24.31 10.20
N ILE A 331 3.54 -25.35 11.05
CA ILE A 331 4.66 -26.28 11.12
C ILE A 331 4.89 -26.96 9.78
N ASN A 332 3.81 -27.40 9.16
CA ASN A 332 3.87 -28.04 7.86
C ASN A 332 4.44 -27.11 6.79
N CYS A 333 3.99 -25.86 6.79
CA CYS A 333 4.47 -24.87 5.82
C CYS A 333 5.94 -24.53 6.03
N TYR A 334 6.35 -24.46 7.29
CA TYR A 334 7.76 -24.22 7.62
C TYR A 334 8.61 -25.42 7.23
N ALA A 335 8.00 -26.59 7.22
CA ALA A 335 8.68 -27.81 6.81
C ALA A 335 8.70 -27.93 5.29
N GLU A 336 7.60 -27.55 4.67
CA GLU A 336 7.46 -27.59 3.21
C GLU A 336 8.35 -26.55 2.54
N GLU A 337 9.14 -26.98 1.57
CA GLU A 337 10.04 -26.09 0.84
C GLU A 337 9.29 -25.24 -0.18
N THR A 338 8.15 -25.75 -0.65
CA THR A 338 7.37 -25.05 -1.66
C THR A 338 6.34 -24.11 -1.03
N CYS A 339 6.26 -24.12 0.31
CA CYS A 339 5.33 -23.23 1.01
C CYS A 339 6.04 -21.99 1.52
N CYS A 340 5.40 -20.84 1.31
CA CYS A 340 5.92 -19.58 1.84
C CYS A 340 4.78 -18.67 2.27
N ASP A 341 3.77 -19.25 2.89
CA ASP A 341 2.66 -18.47 3.43
C ASP A 341 3.12 -17.74 4.69
N PHE A 342 2.37 -16.71 5.07
CA PHE A 342 2.77 -15.88 6.19
C PHE A 342 2.03 -16.26 7.48
N PHE A 343 2.65 -17.14 8.27
CA PHE A 343 2.08 -17.56 9.55
C PHE A 343 2.85 -16.96 10.71
N THR A 344 2.13 -16.26 11.59
CA THR A 344 2.73 -15.66 12.78
C THR A 344 1.88 -15.94 14.02
N ASN A 345 2.42 -15.61 15.19
CA ASN A 345 1.67 -15.70 16.44
C ASN A 345 1.05 -14.36 16.80
N GLN A 346 0.29 -14.33 17.90
CA GLN A 346 -0.36 -13.09 18.34
C GLN A 346 0.65 -12.01 18.71
N ALA A 347 1.68 -12.40 19.44
CA ALA A 347 2.69 -11.46 19.92
C ALA A 347 3.37 -10.72 18.78
N TYR A 348 3.88 -11.47 17.80
CA TYR A 348 4.59 -10.88 16.68
C TYR A 348 3.69 -10.04 15.79
N ALA A 349 2.48 -10.53 15.53
CA ALA A 349 1.53 -9.79 14.71
C ALA A 349 1.17 -8.46 15.35
N ILE A 350 0.80 -8.50 16.62
CA ILE A 350 0.45 -7.29 17.37
C ILE A 350 1.62 -6.31 17.47
N ALA A 351 2.78 -6.80 17.89
CA ALA A 351 3.96 -5.96 18.04
C ALA A 351 4.38 -5.31 16.72
N SER A 352 4.44 -6.11 15.66
CA SER A 352 4.85 -5.61 14.35
C SER A 352 3.82 -4.62 13.80
N SER A 353 2.55 -4.88 14.03
CA SER A 353 1.50 -3.97 13.58
C SER A 353 1.59 -2.62 14.32
N ILE A 354 1.86 -2.69 15.62
CA ILE A 354 2.00 -1.49 16.44
C ILE A 354 3.21 -0.65 16.01
N VAL A 355 4.35 -1.30 15.88
CA VAL A 355 5.60 -0.62 15.52
C VAL A 355 5.59 -0.08 14.10
N SER A 356 5.20 -0.93 13.15
CA SER A 356 5.26 -0.55 11.73
C SER A 356 4.18 0.45 11.32
N PHE A 357 2.95 0.24 11.77
CA PHE A 357 1.82 1.02 11.27
C PHE A 357 1.12 1.93 12.28
N TYR A 358 0.64 1.34 13.37
CA TYR A 358 -0.24 2.06 14.30
C TYR A 358 0.40 3.28 14.98
N VAL A 359 1.61 3.13 15.50
CA VAL A 359 2.32 4.26 16.10
C VAL A 359 2.60 5.39 15.10
N PRO A 360 3.19 5.06 13.92
CA PRO A 360 3.35 6.13 12.92
C PRO A 360 2.02 6.75 12.51
N LEU A 361 0.97 5.95 12.43
CA LEU A 361 -0.36 6.46 12.10
C LEU A 361 -0.80 7.51 13.13
N VAL A 362 -0.73 7.13 14.40
CA VAL A 362 -1.12 8.03 15.49
C VAL A 362 -0.32 9.32 15.49
N ILE A 363 1.00 9.19 15.40
CA ILE A 363 1.88 10.36 15.39
C ILE A 363 1.59 11.28 14.21
N MET A 364 1.39 10.70 13.03
CA MET A 364 1.09 11.47 11.82
C MET A 364 -0.24 12.21 11.92
N VAL A 365 -1.27 11.51 12.40
CA VAL A 365 -2.58 12.11 12.61
C VAL A 365 -2.49 13.29 13.58
N PHE A 366 -1.84 13.06 14.72
CA PHE A 366 -1.66 14.10 15.73
C PHE A 366 -0.91 15.31 15.17
N VAL A 367 0.17 15.04 14.45
CA VAL A 367 1.01 16.08 13.88
C VAL A 367 0.28 16.94 12.84
N TYR A 368 -0.36 16.29 11.88
CA TYR A 368 -1.08 17.02 10.84
C TYR A 368 -2.29 17.76 11.41
N SER A 369 -2.91 17.18 12.43
CA SER A 369 -3.99 17.85 13.15
C SER A 369 -3.44 19.10 13.84
N ARG A 370 -2.23 18.99 14.36
CA ARG A 370 -1.56 20.12 15.00
C ARG A 370 -1.27 21.22 13.97
N VAL A 371 -0.93 20.83 12.75
CA VAL A 371 -0.70 21.79 11.68
C VAL A 371 -1.99 22.53 11.32
N PHE A 372 -3.03 21.76 11.03
CA PHE A 372 -4.34 22.32 10.67
C PHE A 372 -4.91 23.20 11.78
N GLN A 373 -4.58 22.85 13.02
CA GLN A 373 -5.05 23.58 14.19
C GLN A 373 -4.28 24.87 14.40
N GLU A 374 -2.96 24.79 14.27
CA GLU A 374 -2.09 25.94 14.53
C GLU A 374 -2.12 26.94 13.38
N ALA A 375 -2.58 26.49 12.22
CA ALA A 375 -2.71 27.37 11.06
C ALA A 375 -3.83 28.40 11.28
N LYS A 376 -4.78 28.06 12.15
CA LYS A 376 -5.94 28.92 12.38
C LYS A 376 -5.72 29.92 13.52
N ARG A 377 -4.54 29.88 14.12
CA ARG A 377 -4.23 30.78 15.24
C ARG A 377 -2.96 31.61 15.01
N GLN A 378 -2.75 32.03 13.76
CA GLN A 378 -1.61 32.87 13.42
C GLN A 378 -1.97 34.35 13.58
N LEU A 379 -1.08 35.22 13.12
CA LEU A 379 -1.31 36.66 13.21
C LEU A 379 -2.15 37.16 12.04
N GLN A 380 -3.34 36.59 11.88
CA GLN A 380 -4.23 36.96 10.79
C GLN A 380 -5.68 37.08 11.29
N LYS A 384 -9.71 35.53 6.00
CA LYS A 384 -10.65 36.07 5.03
C LYS A 384 -11.17 34.97 4.09
N PHE A 385 -11.34 33.77 4.64
CA PHE A 385 -11.80 32.58 3.91
C PHE A 385 -11.27 32.46 2.47
N ALA A 386 -9.95 32.48 2.32
CA ALA A 386 -9.30 32.39 1.01
C ALA A 386 -9.39 30.97 0.44
N LEU A 387 -8.71 30.75 -0.67
CA LEU A 387 -8.75 29.45 -1.35
C LEU A 387 -7.46 28.67 -1.14
N LYS A 388 -6.43 29.32 -0.59
CA LYS A 388 -5.16 28.68 -0.35
C LYS A 388 -5.27 27.61 0.74
N GLU A 389 -6.02 27.94 1.78
CA GLU A 389 -6.24 27.02 2.89
C GLU A 389 -7.02 25.78 2.45
N HIS A 390 -7.94 25.98 1.51
CA HIS A 390 -8.71 24.87 0.96
C HIS A 390 -7.79 23.94 0.18
N LYS A 391 -6.91 24.53 -0.63
CA LYS A 391 -5.96 23.76 -1.42
C LYS A 391 -5.00 22.98 -0.53
N ALA A 392 -4.56 23.61 0.55
CA ALA A 392 -3.67 22.96 1.50
C ALA A 392 -4.38 21.81 2.22
N LEU A 393 -5.64 22.03 2.55
CA LEU A 393 -6.46 21.02 3.21
C LEU A 393 -6.66 19.82 2.29
N LYS A 394 -6.86 20.08 1.00
CA LYS A 394 -6.98 19.02 0.02
C LYS A 394 -5.65 18.27 -0.10
N THR A 395 -4.56 19.02 -0.04
CA THR A 395 -3.22 18.45 -0.12
C THR A 395 -2.96 17.46 1.01
N LEU A 396 -3.18 17.88 2.24
CA LEU A 396 -3.01 16.99 3.39
C LEU A 396 -4.03 15.87 3.35
N GLY A 397 -5.19 16.16 2.77
CA GLY A 397 -6.22 15.16 2.57
C GLY A 397 -5.73 14.02 1.69
N ILE A 398 -4.95 14.38 0.68
CA ILE A 398 -4.35 13.38 -0.20
C ILE A 398 -3.20 12.67 0.51
N ILE A 399 -2.34 13.45 1.17
CA ILE A 399 -1.17 12.91 1.86
C ILE A 399 -1.54 11.84 2.89
N MET A 400 -2.53 12.14 3.72
CA MET A 400 -2.95 11.21 4.76
C MET A 400 -3.95 10.19 4.23
N GLY A 401 -4.81 10.66 3.34
CA GLY A 401 -5.86 9.81 2.76
C GLY A 401 -5.31 8.64 1.97
N THR A 402 -4.27 8.87 1.18
CA THR A 402 -3.67 7.80 0.39
C THR A 402 -3.05 6.74 1.29
N PHE A 403 -2.23 7.19 2.23
CA PHE A 403 -1.58 6.31 3.20
C PHE A 403 -2.59 5.46 3.97
N THR A 404 -3.64 6.13 4.46
CA THR A 404 -4.70 5.43 5.19
C THR A 404 -5.40 4.40 4.32
N LEU A 405 -5.88 4.85 3.16
CA LEU A 405 -6.62 3.98 2.24
C LEU A 405 -5.79 2.79 1.77
N CYS A 406 -4.46 2.94 1.77
CA CYS A 406 -3.57 1.89 1.31
C CYS A 406 -3.18 0.89 2.41
N TRP A 407 -2.82 1.39 3.58
CA TRP A 407 -2.27 0.52 4.62
C TRP A 407 -3.21 0.16 5.77
N LEU A 408 -4.22 0.99 6.02
CA LEU A 408 -5.16 0.71 7.10
C LEU A 408 -5.96 -0.60 6.97
N PRO A 409 -6.51 -0.89 5.77
CA PRO A 409 -7.29 -2.13 5.66
C PRO A 409 -6.48 -3.39 5.98
N PHE A 410 -5.18 -3.37 5.68
CA PHE A 410 -4.34 -4.53 5.92
C PHE A 410 -4.07 -4.78 7.41
N PHE A 411 -3.49 -3.78 8.07
CA PHE A 411 -3.08 -3.93 9.46
C PHE A 411 -4.24 -4.13 10.43
N ILE A 412 -5.43 -3.69 10.02
CA ILE A 412 -6.64 -3.99 10.79
C ILE A 412 -6.95 -5.48 10.63
N VAL A 413 -6.99 -5.94 9.38
CA VAL A 413 -7.19 -7.36 9.09
C VAL A 413 -6.06 -8.20 9.67
N ASN A 414 -4.83 -7.71 9.58
CA ASN A 414 -3.68 -8.40 10.15
C ASN A 414 -3.80 -8.59 11.65
N ILE A 415 -4.58 -7.75 12.30
CA ILE A 415 -4.79 -7.86 13.74
C ILE A 415 -6.04 -8.68 14.05
N VAL A 416 -6.95 -8.74 13.08
CA VAL A 416 -8.20 -9.48 13.22
C VAL A 416 -7.98 -10.95 12.84
N HIS A 417 -7.10 -11.19 11.90
CA HIS A 417 -6.84 -12.56 11.43
C HIS A 417 -6.12 -13.41 12.48
N VAL A 418 -5.67 -12.77 13.56
CA VAL A 418 -4.95 -13.50 14.61
C VAL A 418 -5.75 -13.61 15.92
N ILE A 419 -6.63 -12.65 16.17
CA ILE A 419 -7.43 -12.63 17.40
C ILE A 419 -8.40 -13.82 17.43
N GLN A 420 -8.87 -14.24 16.27
CA GLN A 420 -9.74 -15.39 16.15
C GLN A 420 -9.35 -16.16 14.89
N ASP A 421 -9.57 -17.47 14.89
CA ASP A 421 -9.25 -18.29 13.74
C ASP A 421 -10.01 -17.79 12.52
N ASN A 422 -9.29 -17.66 11.41
CA ASN A 422 -9.73 -16.88 10.25
C ASN A 422 -11.11 -17.18 9.68
N LEU A 423 -11.98 -16.18 9.75
CA LEU A 423 -13.19 -16.16 8.94
C LEU A 423 -12.88 -15.22 7.78
N ILE A 424 -11.69 -14.63 7.85
CA ILE A 424 -11.17 -13.74 6.81
C ILE A 424 -10.34 -14.52 5.79
N ARG A 425 -10.80 -14.51 4.55
CA ARG A 425 -10.15 -15.27 3.47
C ARG A 425 -8.71 -14.81 3.23
N LYS A 426 -7.85 -15.76 2.86
CA LYS A 426 -6.45 -15.47 2.57
C LYS A 426 -6.35 -14.57 1.33
N GLU A 427 -7.28 -14.74 0.41
CA GLU A 427 -7.36 -13.91 -0.78
C GLU A 427 -7.43 -12.44 -0.38
N VAL A 428 -8.29 -12.15 0.59
CA VAL A 428 -8.46 -10.78 1.08
C VAL A 428 -7.19 -10.28 1.75
N TYR A 429 -6.53 -11.17 2.48
CA TYR A 429 -5.30 -10.83 3.17
C TYR A 429 -4.22 -10.38 2.19
N ILE A 430 -3.96 -11.22 1.19
CA ILE A 430 -2.96 -10.91 0.18
C ILE A 430 -3.34 -9.68 -0.63
N LEU A 431 -4.62 -9.59 -0.99
CA LEU A 431 -5.13 -8.45 -1.75
C LEU A 431 -4.88 -7.13 -1.02
N LEU A 432 -5.26 -7.06 0.25
CA LEU A 432 -5.07 -5.86 1.05
C LEU A 432 -3.58 -5.58 1.27
N ASN A 433 -2.80 -6.65 1.40
CA ASN A 433 -1.35 -6.53 1.52
C ASN A 433 -0.77 -5.81 0.30
N TRP A 434 -1.28 -6.16 -0.86
CA TRP A 434 -0.83 -5.54 -2.12
C TRP A 434 -1.38 -4.13 -2.29
N ILE A 435 -2.58 -3.89 -1.77
CA ILE A 435 -3.15 -2.54 -1.73
C ILE A 435 -2.21 -1.67 -0.90
N GLY A 436 -1.59 -2.29 0.11
CA GLY A 436 -0.54 -1.63 0.85
C GLY A 436 0.73 -1.48 0.01
N TYR A 437 0.98 -2.48 -0.84
CA TYR A 437 2.19 -2.47 -1.67
C TYR A 437 2.23 -1.33 -2.69
N VAL A 438 1.10 -0.99 -3.28
CA VAL A 438 1.07 0.06 -4.30
C VAL A 438 1.35 1.46 -3.74
N ASN A 439 1.26 1.59 -2.42
CA ASN A 439 1.55 2.86 -1.75
C ASN A 439 3.00 3.29 -2.00
N SER A 440 3.88 2.31 -2.16
CA SER A 440 5.28 2.56 -2.47
C SER A 440 5.42 3.28 -3.81
N GLY A 441 4.55 2.93 -4.74
CA GLY A 441 4.51 3.58 -6.04
C GLY A 441 3.76 4.90 -5.98
N PHE A 442 2.84 5.01 -5.03
CA PHE A 442 2.06 6.25 -4.86
C PHE A 442 2.87 7.37 -4.22
N ASN A 443 3.81 7.02 -3.37
CA ASN A 443 4.60 8.00 -2.62
C ASN A 443 5.37 9.06 -3.42
N PRO A 444 6.05 8.66 -4.52
CA PRO A 444 6.77 9.69 -5.29
C PRO A 444 5.86 10.74 -5.94
N LEU A 445 4.58 10.40 -6.11
CA LEU A 445 3.63 11.32 -6.71
C LEU A 445 2.99 12.24 -5.67
N ILE A 446 3.47 12.16 -4.44
CA ILE A 446 2.93 12.95 -3.33
C ILE A 446 4.02 13.78 -2.66
N TYR A 447 5.18 13.15 -2.45
CA TYR A 447 6.25 13.78 -1.69
C TYR A 447 7.36 14.37 -2.56
N CYS A 448 7.08 14.52 -3.85
CA CYS A 448 8.07 15.08 -4.78
C CYS A 448 7.44 16.02 -5.80
N ARG A 449 6.59 16.92 -5.32
CA ARG A 449 5.90 17.84 -6.22
C ARG A 449 6.45 19.27 -6.13
N SER A 450 7.61 19.43 -5.52
CA SER A 450 8.26 20.72 -5.42
C SER A 450 8.77 21.16 -6.78
N PRO A 451 8.86 22.48 -7.01
CA PRO A 451 9.36 23.02 -8.28
C PRO A 451 10.74 22.46 -8.65
N ASP A 452 11.61 22.35 -7.66
CA ASP A 452 12.94 21.78 -7.87
C ASP A 452 12.87 20.32 -8.31
N PHE A 453 11.98 19.56 -7.66
CA PHE A 453 11.76 18.17 -8.06
C PHE A 453 11.22 18.10 -9.48
N ARG A 454 10.33 19.03 -9.84
CA ARG A 454 9.76 19.08 -11.18
C ARG A 454 10.83 19.30 -12.24
N ILE A 455 11.62 20.36 -12.05
CA ILE A 455 12.71 20.70 -12.96
C ILE A 455 13.72 19.56 -13.07
N ALA A 456 14.04 18.95 -11.92
CA ALA A 456 14.96 17.83 -11.89
C ALA A 456 14.43 16.66 -12.71
N PHE A 457 13.14 16.36 -12.54
CA PHE A 457 12.51 15.26 -13.26
C PHE A 457 12.47 15.53 -14.76
N GLN A 458 12.28 16.79 -15.14
CA GLN A 458 12.26 17.16 -16.54
C GLN A 458 13.65 17.05 -17.18
N GLU A 459 14.67 17.42 -16.41
CA GLU A 459 16.04 17.42 -16.92
C GLU A 459 16.64 16.02 -16.96
N LEU A 460 16.24 15.16 -16.02
CA LEU A 460 16.77 13.80 -15.93
C LEU A 460 16.49 12.96 -17.17
N LEU A 461 15.29 13.10 -17.74
CA LEU A 461 14.92 12.33 -18.91
C LEU A 461 14.85 13.18 -20.19
N CYS A 462 15.24 14.44 -20.07
CA CYS A 462 15.29 15.38 -21.20
C CYS A 462 13.97 15.44 -21.97
N LEU A 463 12.91 15.85 -21.30
CA LEU A 463 11.60 15.93 -21.93
C LEU A 463 11.45 17.20 -22.77
N GLN B 1 -0.23 33.53 -8.08
CA GLN B 1 -0.50 34.73 -8.85
C GLN B 1 -0.72 35.94 -7.93
N VAL B 2 0.13 36.07 -6.93
CA VAL B 2 0.07 37.21 -6.01
C VAL B 2 1.20 38.20 -6.29
N GLN B 3 1.06 39.41 -5.78
CA GLN B 3 2.03 40.47 -6.05
C GLN B 3 2.73 40.95 -4.79
N LEU B 4 3.93 41.51 -4.97
CA LEU B 4 4.69 42.07 -3.85
C LEU B 4 5.12 43.50 -4.16
N GLN B 5 4.56 44.45 -3.41
CA GLN B 5 4.90 45.86 -3.59
C GLN B 5 5.98 46.31 -2.61
N GLU B 6 7.16 46.57 -3.14
CA GLU B 6 8.28 47.06 -2.33
C GLU B 6 8.33 48.58 -2.37
N SER B 7 8.69 49.20 -1.25
CA SER B 7 8.81 50.64 -1.17
C SER B 7 9.66 51.08 0.01
N GLY B 8 10.39 52.18 -0.17
CA GLY B 8 11.18 52.74 0.91
C GLY B 8 12.63 52.99 0.56
N GLY B 9 13.17 52.20 -0.37
CA GLY B 9 14.57 52.27 -0.74
C GLY B 9 14.99 53.61 -1.30
N GLY B 10 16.29 53.86 -1.32
CA GLY B 10 16.83 55.09 -1.87
C GLY B 10 18.24 55.38 -1.38
N LEU B 11 18.72 56.59 -1.65
CA LEU B 11 20.04 57.00 -1.20
C LEU B 11 20.01 57.40 0.27
N VAL B 12 21.11 57.12 0.98
CA VAL B 12 21.18 57.39 2.42
C VAL B 12 22.62 57.61 2.87
N GLN B 13 22.82 58.58 3.77
CA GLN B 13 24.14 58.86 4.32
C GLN B 13 24.60 57.73 5.24
N ALA B 14 25.91 57.62 5.44
CA ALA B 14 26.46 56.58 6.31
C ALA B 14 26.08 56.82 7.77
N GLY B 15 25.28 55.93 8.32
CA GLY B 15 24.82 56.05 9.69
C GLY B 15 23.37 56.48 9.77
N GLY B 16 22.80 56.82 8.62
CA GLY B 16 21.40 57.23 8.55
C GLY B 16 20.46 56.05 8.59
N SER B 17 19.21 56.30 8.93
CA SER B 17 18.20 55.26 9.02
C SER B 17 17.34 55.19 7.76
N LEU B 18 16.75 54.03 7.53
CA LEU B 18 15.93 53.79 6.34
C LEU B 18 14.85 52.77 6.68
N ARG B 19 13.68 52.92 6.08
CA ARG B 19 12.57 52.00 6.34
C ARG B 19 12.06 51.33 5.08
N LEU B 20 12.30 50.04 4.96
CA LEU B 20 11.78 49.26 3.83
C LEU B 20 10.39 48.71 4.14
N SER B 21 9.64 48.38 3.10
CA SER B 21 8.28 47.89 3.28
C SER B 21 7.82 47.04 2.10
N CYS B 22 7.20 45.90 2.40
CA CYS B 22 6.67 45.02 1.37
C CYS B 22 5.21 44.67 1.64
N ALA B 23 4.36 44.90 0.64
CA ALA B 23 2.94 44.60 0.76
C ALA B 23 2.55 43.44 -0.14
N ALA B 24 2.00 42.38 0.45
CA ALA B 24 1.61 41.20 -0.29
C ALA B 24 0.15 41.25 -0.73
N SER B 25 -0.07 41.52 -2.01
CA SER B 25 -1.41 41.58 -2.57
C SER B 25 -1.83 40.23 -3.14
N GLY B 26 -2.73 39.54 -2.44
CA GLY B 26 -3.21 38.25 -2.87
C GLY B 26 -3.45 37.30 -1.72
N SER B 27 -3.84 36.08 -2.05
CA SER B 27 -4.13 35.06 -1.04
C SER B 27 -2.91 34.19 -0.75
N ILE B 28 -2.40 34.28 0.49
CA ILE B 28 -1.27 33.49 0.91
C ILE B 28 -1.67 32.58 2.07
N PHE B 29 -1.11 31.38 2.11
CA PHE B 29 -1.40 30.40 3.17
C PHE B 29 -1.08 30.99 4.55
N ALA B 30 -1.84 30.59 5.55
CA ALA B 30 -1.75 31.15 6.90
C ALA B 30 -0.37 30.97 7.53
N LEU B 31 0.33 29.90 7.16
CA LEU B 31 1.67 29.64 7.67
C LEU B 31 2.72 30.02 6.63
N ASN B 32 3.47 31.07 6.92
CA ASN B 32 4.44 31.60 5.96
C ASN B 32 5.63 32.30 6.60
N ILE B 33 6.66 32.54 5.79
CA ILE B 33 7.83 33.30 6.23
C ILE B 33 8.07 34.49 5.32
N MET B 34 7.73 35.68 5.81
CA MET B 34 7.89 36.89 5.01
C MET B 34 9.14 37.65 5.43
N GLY B 35 10.09 37.80 4.51
CA GLY B 35 11.36 38.43 4.85
C GLY B 35 12.02 39.24 3.76
N TRP B 36 13.27 39.61 4.01
CA TRP B 36 14.07 40.41 3.09
C TRP B 36 15.43 39.76 2.83
N TYR B 37 15.80 39.72 1.56
CA TYR B 37 17.12 39.27 1.12
C TYR B 37 17.84 40.44 0.45
N ARG B 38 19.12 40.27 0.14
CA ARG B 38 19.87 41.33 -0.53
C ARG B 38 21.00 40.82 -1.40
N GLN B 39 21.39 41.62 -2.39
CA GLN B 39 22.53 41.31 -3.24
C GLN B 39 23.54 42.46 -3.28
N ALA B 40 24.69 42.26 -2.65
CA ALA B 40 25.75 43.26 -2.65
C ALA B 40 26.53 43.18 -3.96
N PRO B 41 27.11 44.31 -4.40
CA PRO B 41 27.92 44.35 -5.62
C PRO B 41 29.07 43.35 -5.61
N GLY B 42 28.90 42.24 -6.31
CA GLY B 42 29.94 41.23 -6.39
C GLY B 42 29.78 40.15 -5.34
N LYS B 43 28.61 40.08 -4.71
CA LYS B 43 28.32 39.07 -3.71
C LYS B 43 27.01 38.34 -4.00
N GLN B 44 26.89 37.12 -3.50
CA GLN B 44 25.69 36.32 -3.72
C GLN B 44 24.49 36.83 -2.93
N ARG B 45 23.31 36.32 -3.24
CA ARG B 45 22.09 36.73 -2.56
C ARG B 45 22.05 36.24 -1.12
N GLU B 46 22.00 37.18 -0.18
CA GLU B 46 22.08 36.86 1.24
C GLU B 46 20.79 37.25 1.97
N LEU B 47 20.42 36.45 2.97
CA LEU B 47 19.25 36.73 3.79
C LEU B 47 19.49 37.90 4.72
N VAL B 48 18.66 38.94 4.62
CA VAL B 48 18.74 40.07 5.53
C VAL B 48 17.97 39.77 6.80
N ALA B 49 16.65 39.67 6.69
CA ALA B 49 15.82 39.49 7.88
C ALA B 49 14.44 38.93 7.56
N ALA B 50 14.13 37.75 8.09
CA ALA B 50 12.85 37.12 7.85
C ALA B 50 11.98 37.05 9.11
N ILE B 51 10.67 37.19 8.94
CA ILE B 51 9.75 37.01 10.05
C ILE B 51 8.69 35.96 9.75
N HIS B 52 8.50 35.05 10.69
CA HIS B 52 7.50 33.99 10.55
C HIS B 52 6.11 34.54 10.87
N SER B 53 5.08 33.86 10.39
CA SER B 53 3.71 34.26 10.65
C SER B 53 3.37 34.13 12.13
N GLY B 54 4.20 33.40 12.86
CA GLY B 54 4.02 33.21 14.28
C GLY B 54 4.79 34.21 15.12
N GLY B 55 5.11 35.35 14.53
CA GLY B 55 5.74 36.44 15.25
C GLY B 55 7.25 36.38 15.34
N THR B 56 7.80 35.17 15.43
CA THR B 56 9.25 35.00 15.59
C THR B 56 10.04 35.54 14.40
N THR B 57 11.22 36.08 14.68
CA THR B 57 12.05 36.69 13.65
C THR B 57 13.39 35.99 13.49
N ASN B 58 14.18 36.45 12.51
CA ASN B 58 15.49 35.89 12.23
C ASN B 58 16.34 36.87 11.42
N TYR B 59 17.50 37.22 11.96
CA TYR B 59 18.38 38.20 11.31
C TYR B 59 19.73 37.58 10.97
N ALA B 60 20.43 38.22 10.04
CA ALA B 60 21.78 37.80 9.69
C ALA B 60 22.76 38.24 10.78
N ASN B 61 23.98 37.71 10.73
CA ASN B 61 24.99 38.03 11.75
C ASN B 61 25.63 39.39 11.55
N SER B 62 25.32 40.03 10.43
CA SER B 62 25.89 41.34 10.12
C SER B 62 24.86 42.45 10.26
N VAL B 63 23.62 42.07 10.54
CA VAL B 63 22.55 43.05 10.70
C VAL B 63 21.88 42.95 12.06
N LYS B 64 22.16 41.86 12.77
CA LYS B 64 21.59 41.65 14.10
C LYS B 64 22.10 42.69 15.09
N GLY B 65 21.19 43.51 15.60
CA GLY B 65 21.55 44.59 16.50
C GLY B 65 21.43 45.94 15.83
N ARG B 66 21.27 45.92 14.51
CA ARG B 66 21.11 47.14 13.73
C ARG B 66 19.79 47.15 12.97
N PHE B 67 19.39 45.98 12.46
CA PHE B 67 18.14 45.86 11.72
C PHE B 67 17.04 45.23 12.57
N THR B 68 15.82 45.70 12.39
CA THR B 68 14.67 45.18 13.14
C THR B 68 13.46 45.01 12.21
N ILE B 69 13.04 43.77 12.04
CA ILE B 69 11.91 43.48 11.16
C ILE B 69 10.62 43.27 11.94
N SER B 70 9.52 43.81 11.42
CA SER B 70 8.20 43.60 12.00
C SER B 70 7.17 43.48 10.89
N ARG B 71 5.91 43.23 11.25
CA ARG B 71 4.87 43.10 10.23
C ARG B 71 3.52 43.69 10.64
N ASP B 72 2.70 43.99 9.65
CA ASP B 72 1.37 44.54 9.89
C ASP B 72 0.47 43.47 10.50
N ASN B 73 -0.69 43.91 10.99
CA ASN B 73 -1.57 43.02 11.75
C ASN B 73 -2.53 42.18 10.90
N ALA B 74 -2.98 42.73 9.77
CA ALA B 74 -3.98 42.03 8.98
C ALA B 74 -3.78 42.12 7.46
N ALA B 75 -3.00 43.12 7.02
CA ALA B 75 -2.82 43.34 5.59
C ALA B 75 -1.61 42.60 5.02
N ASN B 76 -0.94 41.82 5.86
CA ASN B 76 0.25 41.08 5.47
C ASN B 76 1.35 41.97 4.88
N THR B 77 1.70 43.02 5.61
CA THR B 77 2.73 43.96 5.17
C THR B 77 3.91 43.95 6.13
N VAL B 78 5.11 43.74 5.59
CA VAL B 78 6.31 43.66 6.41
C VAL B 78 7.16 44.92 6.33
N TYR B 79 7.50 45.47 7.50
CA TYR B 79 8.35 46.66 7.58
C TYR B 79 9.73 46.30 8.11
N LEU B 80 10.76 46.76 7.41
CA LEU B 80 12.14 46.52 7.82
C LEU B 80 12.81 47.82 8.25
N GLN B 81 13.10 47.91 9.55
CA GLN B 81 13.77 49.07 10.12
C GLN B 81 15.28 48.91 10.04
N MET B 82 15.93 49.78 9.27
CA MET B 82 17.38 49.72 9.09
C MET B 82 18.07 50.93 9.70
N ASN B 83 18.62 50.75 10.90
CA ASN B 83 19.31 51.82 11.61
C ASN B 83 20.83 51.66 11.54
N SER B 84 21.53 52.78 11.61
CA SER B 84 22.99 52.81 11.55
C SER B 84 23.54 52.06 10.34
N LEU B 85 23.18 52.55 9.14
CA LEU B 85 23.58 51.90 7.90
C LEU B 85 25.07 52.03 7.62
N LYS B 86 25.61 51.07 6.90
CA LYS B 86 27.03 51.02 6.59
C LYS B 86 27.25 50.88 5.08
N PRO B 87 28.45 51.25 4.60
CA PRO B 87 28.74 51.16 3.17
C PRO B 87 28.68 49.74 2.61
N GLU B 88 28.80 48.73 3.48
CA GLU B 88 28.70 47.34 3.05
C GLU B 88 27.26 46.86 3.02
N ASP B 89 26.34 47.72 3.46
CA ASP B 89 24.91 47.40 3.40
C ASP B 89 24.31 47.87 2.09
N THR B 90 25.12 48.53 1.27
CA THR B 90 24.71 48.97 -0.05
C THR B 90 24.47 47.75 -0.94
N ALA B 91 23.21 47.46 -1.21
CA ALA B 91 22.86 46.26 -1.95
C ALA B 91 21.50 46.37 -2.62
N VAL B 92 21.04 45.27 -3.22
CA VAL B 92 19.72 45.22 -3.83
C VAL B 92 18.81 44.36 -2.99
N TYR B 93 17.83 44.99 -2.34
CA TYR B 93 16.97 44.30 -1.39
C TYR B 93 15.69 43.75 -2.03
N TYR B 94 15.49 42.45 -1.87
CA TYR B 94 14.30 41.78 -2.41
C TYR B 94 13.36 41.34 -1.29
N CYS B 95 12.07 41.58 -1.49
CA CYS B 95 11.06 41.08 -0.57
C CYS B 95 10.75 39.64 -0.92
N ASN B 96 10.46 38.83 0.09
CA ASN B 96 10.29 37.40 -0.11
C ASN B 96 9.19 36.79 0.75
N VAL B 97 8.46 35.83 0.16
CA VAL B 97 7.40 35.13 0.87
C VAL B 97 7.53 33.62 0.70
N LYS B 98 7.81 32.93 1.79
CA LYS B 98 7.85 31.47 1.81
C LYS B 98 6.48 30.93 2.20
N ASP B 99 5.76 30.36 1.24
CA ASP B 99 4.43 29.82 1.50
C ASP B 99 4.49 28.32 1.82
N PHE B 100 3.72 27.91 2.83
CA PHE B 100 3.71 26.52 3.25
C PHE B 100 2.39 25.82 2.89
N GLY B 101 1.75 26.28 1.83
CA GLY B 101 0.48 25.72 1.41
C GLY B 101 0.60 24.31 0.85
N ALA B 102 1.82 23.93 0.48
CA ALA B 102 2.06 22.60 -0.07
C ALA B 102 2.49 21.62 1.00
N ILE B 103 2.71 22.14 2.21
CA ILE B 103 3.07 21.34 3.38
C ILE B 103 4.41 20.60 3.25
N ILE B 104 4.54 19.78 2.22
CA ILE B 104 5.77 19.03 1.99
C ILE B 104 6.90 19.95 1.55
N TYR B 105 6.60 20.88 0.65
CA TYR B 105 7.59 21.85 0.21
C TYR B 105 7.09 23.28 0.40
N ASP B 106 7.86 24.25 -0.10
CA ASP B 106 7.52 25.65 0.07
C ASP B 106 7.60 26.46 -1.22
N TYR B 107 6.55 27.24 -1.48
CA TYR B 107 6.47 28.08 -2.67
C TYR B 107 7.08 29.44 -2.36
N ASP B 108 7.97 29.90 -3.23
CA ASP B 108 8.63 31.20 -3.04
C ASP B 108 8.04 32.30 -3.91
N TYR B 109 7.75 33.43 -3.29
CA TYR B 109 7.31 34.62 -4.01
C TYR B 109 8.32 35.73 -3.83
N TRP B 110 8.72 36.37 -4.93
CA TRP B 110 9.74 37.41 -4.87
C TRP B 110 9.22 38.78 -5.29
N GLY B 111 9.90 39.82 -4.82
CA GLY B 111 9.55 41.19 -5.17
C GLY B 111 10.40 41.68 -6.32
N GLN B 112 10.06 42.86 -6.85
CA GLN B 112 10.78 43.43 -7.98
C GLN B 112 12.19 43.84 -7.58
N GLY B 113 12.37 44.15 -6.31
CA GLY B 113 13.68 44.54 -5.79
C GLY B 113 13.85 46.05 -5.73
N THR B 114 14.41 46.53 -4.64
CA THR B 114 14.69 47.96 -4.48
C THR B 114 16.17 48.21 -4.23
N GLN B 115 16.68 49.30 -4.80
CA GLN B 115 18.09 49.66 -4.66
C GLN B 115 18.32 50.53 -3.43
N VAL B 116 19.35 50.17 -2.66
CA VAL B 116 19.72 50.94 -1.48
C VAL B 116 21.20 51.31 -1.54
N THR B 117 21.48 52.61 -1.53
CA THR B 117 22.86 53.10 -1.63
C THR B 117 23.28 53.89 -0.40
N VAL B 118 24.33 53.41 0.26
CA VAL B 118 24.88 54.10 1.42
C VAL B 118 26.14 54.88 1.05
N SER B 119 26.09 56.19 1.25
CA SER B 119 27.20 57.07 0.89
C SER B 119 28.41 56.87 1.81
N SER B 120 29.46 56.25 1.27
CA SER B 120 30.68 56.01 2.03
C SER B 120 31.45 57.31 2.28
#